data_4KZD
#
_entry.id   4KZD
#
_cell.length_a   148.425
_cell.length_b   79.602
_cell.length_c   95.210
_cell.angle_alpha   90.00
_cell.angle_beta   111.65
_cell.angle_gamma   90.00
#
_symmetry.space_group_name_H-M   'C 1 2 1'
#
loop_
_entity.id
_entity.type
_entity.pdbx_description
1 polymer 'BL3-6 Fab antibody, heavy chain'
2 polymer 'BL3-6 Fab antibody, light chain'
3 polymer 'RNA (84-MER)'
4 branched beta-D-fructofuranose-(2-1)-alpha-D-glucopyranose
5 non-polymer 'POTASSIUM ION'
6 non-polymer 'MAGNESIUM ION'
7 non-polymer 4-(3,5-difluoro-4-hydroxybenzyl)-1,2-dimethyl-1H-imidazol-5-ol
8 water water
#
loop_
_entity_poly.entity_id
_entity_poly.type
_entity_poly.pdbx_seq_one_letter_code
_entity_poly.pdbx_strand_id
1 'polypeptide(L)'
;EISEVQLVESGGGLVQPGGSLRLSCAASGFYISYSSIHWVRQAPGKGLEWVASISPYSGSTYYADSVKGRFTISADTSKN
TAYLQMNSLRAEDTAVYYCARQGYRRRSGRGFDYWGQGTLVTVSSASTKGPSVFPLAPSSKSTSGGTAALGCLVKDYFPE
PVTVSWNSGALTSGVHTFPAVLQSSGLYSLSSVVTVPSSSLGTQTYICNVNHKPSNTKVDKKVEPKSCDKTH
;
H
2 'polypeptide(L)'
;SDIQMTQSPSSLSASVGDRVTITCRASQSVSSAVAWYQQKPGKAPKLLIYSASSLYSGVPSRFSGSRSGTDFTLTISSLQ
PEDFATYYCQQSYSFPSTFGQGTKVEIKRTVAAPSVFIFPPSDEQLKSGTASVVCLLNNFYPREAKVQWKVDNALQSGNS
QESVTEQDSKDSTYSLSSTLTLSKADYEKHKVYACEVTHQGLSSPVTKSFNRGEC
;
L
3 'polyribonucleotide'
;(GDP)GACGCGACCGAAAUGGUGAAGGACGGGUCCAGUGCGAAACACGCACUGUUGAGUAGAGUGUGAGCUCCGUAACUG
GUCGCGUC
;
R
#
loop_
_chem_comp.id
_chem_comp.type
_chem_comp.name
_chem_comp.formula
1TU non-polymer 4-(3,5-difluoro-4-hydroxybenzyl)-1,2-dimethyl-1H-imidazol-5-ol 'C12 H12 F2 N2 O2'
A RNA linking ADENOSINE-5'-MONOPHOSPHATE 'C10 H14 N5 O7 P'
C RNA linking CYTIDINE-5'-MONOPHOSPHATE 'C9 H14 N3 O8 P'
FRU D-saccharide, beta linking beta-D-fructofuranose 'C6 H12 O6'
G RNA linking GUANOSINE-5'-MONOPHOSPHATE 'C10 H14 N5 O8 P'
GDP RNA linking GUANOSINE-5'-DIPHOSPHATE 'C10 H15 N5 O11 P2'
GLC D-saccharide, alpha linking alpha-D-glucopyranose 'C6 H12 O6'
K non-polymer 'POTASSIUM ION' 'K 1'
MG non-polymer 'MAGNESIUM ION' 'Mg 2'
U RNA linking URIDINE-5'-MONOPHOSPHATE 'C9 H13 N2 O9 P'
#
# COMPACT_ATOMS: atom_id res chain seq x y z
N GLU A 4 -24.30 11.24 -5.33
CA GLU A 4 -24.88 12.22 -4.41
C GLU A 4 -24.36 11.96 -2.99
N VAL A 5 -24.33 10.70 -2.57
CA VAL A 5 -23.93 10.36 -1.21
C VAL A 5 -22.43 10.37 -1.03
N GLN A 6 -21.94 11.13 -0.07
CA GLN A 6 -20.50 11.21 0.14
C GLN A 6 -20.12 11.37 1.61
N LEU A 7 -18.93 10.90 1.96
CA LEU A 7 -18.36 11.01 3.31
C LEU A 7 -16.93 11.51 3.18
N VAL A 8 -16.56 12.53 3.93
CA VAL A 8 -15.20 13.07 3.85
C VAL A 8 -14.57 13.08 5.23
N GLU A 9 -13.53 12.30 5.43
CA GLU A 9 -12.90 12.32 6.74
C GLU A 9 -11.73 13.30 6.78
N SER A 10 -11.51 13.91 7.94
CA SER A 10 -10.45 14.88 8.10
C SER A 10 -9.95 14.84 9.54
N GLY A 11 -8.88 15.57 9.81
CA GLY A 11 -8.31 15.59 11.15
C GLY A 11 -7.10 14.68 11.34
N GLY A 12 -6.73 13.93 10.30
CA GLY A 12 -5.62 12.99 10.42
C GLY A 12 -4.29 13.71 10.51
N GLY A 13 -3.24 13.01 10.96
CA GLY A 13 -1.93 13.64 11.08
C GLY A 13 -1.01 12.88 12.02
N LEU A 14 0.12 13.51 12.37
CA LEU A 14 1.12 12.90 13.23
C LEU A 14 0.90 13.27 14.69
N VAL A 15 0.90 12.29 15.58
CA VAL A 15 0.77 12.55 17.01
C VAL A 15 1.73 11.65 17.75
N GLN A 16 2.24 12.10 18.89
CA GLN A 16 3.14 11.27 19.68
C GLN A 16 2.33 10.29 20.51
N PRO A 17 2.92 9.12 20.81
CA PRO A 17 2.30 8.14 21.71
C PRO A 17 1.84 8.83 23.00
N GLY A 18 0.68 8.43 23.53
CA GLY A 18 0.08 9.13 24.64
C GLY A 18 -0.76 10.33 24.23
N GLY A 19 -0.53 10.84 23.02
CA GLY A 19 -1.27 11.98 22.52
C GLY A 19 -2.74 11.71 22.16
N SER A 20 -3.43 12.78 21.74
CA SER A 20 -4.86 12.75 21.39
C SER A 20 -5.07 13.31 20.00
N LEU A 21 -6.18 12.92 19.36
CA LEU A 21 -6.49 13.38 18.01
C LEU A 21 -7.98 13.22 17.78
N ARG A 22 -8.62 14.19 17.15
CA ARG A 22 -10.04 14.05 16.83
C ARG A 22 -10.26 14.01 15.33
N LEU A 23 -10.89 12.94 14.87
CA LEU A 23 -11.21 12.81 13.46
C LEU A 23 -12.65 13.23 13.22
N SER A 24 -12.89 13.80 12.05
CA SER A 24 -14.22 14.21 11.61
C SER A 24 -14.61 13.44 10.37
N CYS A 25 -15.90 13.16 10.27
CA CYS A 25 -16.49 12.48 9.13
C CYS A 25 -17.70 13.29 8.70
N ALA A 26 -17.52 14.14 7.68
CA ALA A 26 -18.57 15.02 7.21
C ALA A 26 -19.41 14.33 6.13
N ALA A 27 -20.71 14.20 6.39
CA ALA A 27 -21.62 13.57 5.43
C ALA A 27 -22.21 14.57 4.47
N SER A 28 -22.51 14.10 3.26
CA SER A 28 -23.39 14.86 2.38
C SER A 28 -24.26 13.95 1.52
N GLY A 29 -25.40 14.46 1.07
CA GLY A 29 -26.35 13.68 0.29
C GLY A 29 -27.21 12.74 1.10
N PHE A 30 -27.01 12.69 2.42
CA PHE A 30 -27.91 11.99 3.34
C PHE A 30 -27.75 12.60 4.72
N TYR A 31 -28.64 12.24 5.64
CA TYR A 31 -28.62 12.81 7.00
C TYR A 31 -28.20 11.68 7.93
N ILE A 32 -27.15 11.90 8.73
CA ILE A 32 -26.58 10.77 9.50
C ILE A 32 -27.54 10.24 10.57
N SER A 33 -28.51 11.07 10.95
CA SER A 33 -29.44 10.73 12.01
C SER A 33 -30.31 9.47 11.74
N TYR A 34 -30.42 9.10 10.48
CA TYR A 34 -31.26 7.97 10.09
C TYR A 34 -30.44 6.68 9.92
N SER A 35 -29.13 6.77 10.15
CA SER A 35 -28.18 5.68 9.83
C SER A 35 -27.30 5.35 11.04
N SER A 36 -26.78 4.13 11.09
CA SER A 36 -25.64 3.81 11.95
C SER A 36 -24.39 4.33 11.27
N ILE A 37 -23.45 4.89 12.04
CA ILE A 37 -22.19 5.34 11.43
C ILE A 37 -21.04 4.54 12.06
N HIS A 38 -20.09 4.09 11.23
CA HIS A 38 -18.96 3.27 11.71
C HIS A 38 -17.60 3.90 11.39
N TRP A 39 -16.61 3.59 12.21
CA TRP A 39 -15.20 3.81 11.88
C TRP A 39 -14.53 2.47 11.74
N VAL A 40 -13.71 2.37 10.71
CA VAL A 40 -12.96 1.17 10.36
C VAL A 40 -11.57 1.63 9.97
N ARG A 41 -10.53 0.93 10.40
CA ARG A 41 -9.18 1.38 10.03
C ARG A 41 -8.35 0.29 9.36
N GLN A 42 -7.30 0.71 8.66
CA GLN A 42 -6.42 -0.20 7.95
C GLN A 42 -4.97 0.25 8.08
N ALA A 43 -4.18 -0.48 8.87
CA ALA A 43 -2.74 -0.20 8.99
C ALA A 43 -2.09 -0.56 7.65
N PRO A 44 -1.04 0.20 7.24
CA PRO A 44 -0.35 -0.07 5.97
C PRO A 44 -0.02 -1.54 5.78
N GLY A 45 -0.39 -2.09 4.62
CA GLY A 45 -0.17 -3.48 4.30
C GLY A 45 -1.03 -4.51 5.05
N LYS A 46 -1.97 -4.04 5.88
CA LYS A 46 -2.76 -4.96 6.71
C LYS A 46 -4.22 -4.98 6.31
N GLY A 47 -5.04 -5.70 7.08
CA GLY A 47 -6.46 -5.81 6.76
C GLY A 47 -7.34 -4.73 7.38
N LEU A 48 -8.63 -4.74 7.04
CA LEU A 48 -9.60 -3.82 7.61
C LEU A 48 -9.85 -4.24 9.05
N GLU A 49 -9.93 -3.27 9.95
CA GLU A 49 -10.21 -3.55 11.36
C GLU A 49 -11.34 -2.65 11.81
N TRP A 50 -12.42 -3.24 12.33
CA TRP A 50 -13.55 -2.44 12.76
C TRP A 50 -13.18 -1.77 14.09
N VAL A 51 -13.43 -0.46 14.20
CA VAL A 51 -13.02 0.36 15.34
C VAL A 51 -14.19 0.73 16.24
N ALA A 52 -15.23 1.33 15.66
CA ALA A 52 -16.34 1.81 16.51
C ALA A 52 -17.61 2.09 15.71
N SER A 53 -18.75 2.16 16.37
CA SER A 53 -19.99 2.58 15.70
C SER A 53 -20.97 3.28 16.63
N ILE A 54 -21.91 4.03 16.04
CA ILE A 54 -22.98 4.67 16.79
C ILE A 54 -24.33 4.44 16.09
N SER A 55 -25.29 3.95 16.89
CA SER A 55 -26.61 3.54 16.41
C SER A 55 -27.57 4.73 16.38
N PRO A 56 -28.49 4.74 15.41
CA PRO A 56 -29.40 5.90 15.37
C PRO A 56 -30.49 5.76 16.42
N TYR A 57 -31.13 6.89 16.74
CA TYR A 57 -32.29 6.93 17.65
C TYR A 57 -31.97 6.71 19.13
N SER A 58 -31.07 5.77 19.44
CA SER A 58 -30.73 5.44 20.82
C SER A 58 -29.40 6.06 21.21
N GLY A 59 -28.56 6.32 20.22
CA GLY A 59 -27.24 6.87 20.48
C GLY A 59 -26.26 5.85 21.04
N SER A 60 -26.65 4.58 21.09
CA SER A 60 -25.78 3.52 21.60
C SER A 60 -24.48 3.45 20.80
N THR A 61 -23.37 3.26 21.51
CA THR A 61 -22.07 3.22 20.86
C THR A 61 -21.39 1.86 21.11
N TYR A 62 -20.58 1.41 20.15
CA TYR A 62 -19.85 0.14 20.30
C TYR A 62 -18.39 0.33 19.92
N TYR A 63 -17.49 -0.45 20.54
CA TYR A 63 -16.04 -0.32 20.32
C TYR A 63 -15.36 -1.68 20.23
N ALA A 64 -14.36 -1.76 19.37
CA ALA A 64 -13.44 -2.91 19.36
C ALA A 64 -12.67 -2.90 20.68
N ASP A 65 -12.36 -4.07 21.22
CA ASP A 65 -11.53 -4.16 22.44
C ASP A 65 -10.22 -3.39 22.33
N SER A 66 -9.62 -3.39 21.15
CA SER A 66 -8.33 -2.71 20.94
C SER A 66 -8.40 -1.22 21.24
N VAL A 67 -9.60 -0.61 21.16
CA VAL A 67 -9.69 0.83 21.41
C VAL A 67 -10.62 1.24 22.55
N LYS A 68 -11.26 0.26 23.16
CA LYS A 68 -12.22 0.53 24.23
C LYS A 68 -11.61 1.36 25.35
N GLY A 69 -12.31 2.40 25.79
CA GLY A 69 -11.82 3.23 26.88
C GLY A 69 -10.92 4.37 26.43
N ARG A 70 -10.32 4.26 25.24
CA ARG A 70 -9.49 5.35 24.71
C ARG A 70 -10.20 6.17 23.63
N PHE A 71 -11.09 5.52 22.88
CA PHE A 71 -11.78 6.17 21.76
C PHE A 71 -13.23 6.46 22.10
N THR A 72 -13.75 7.58 21.64
CA THR A 72 -15.19 7.89 21.79
C THR A 72 -15.77 8.31 20.44
N ILE A 73 -16.82 7.62 19.98
CA ILE A 73 -17.47 8.01 18.73
C ILE A 73 -18.68 8.88 19.04
N SER A 74 -18.89 9.94 18.26
CA SER A 74 -20.10 10.74 18.47
C SER A 74 -20.68 11.25 17.17
N ALA A 75 -21.86 11.84 17.25
CA ALA A 75 -22.51 12.39 16.07
C ALA A 75 -23.13 13.76 16.40
N ASP A 76 -22.82 14.75 15.55
CA ASP A 76 -23.41 16.09 15.66
C ASP A 76 -24.33 16.32 14.45
N THR A 77 -25.63 16.18 14.70
CA THR A 77 -26.61 16.34 13.63
C THR A 77 -26.62 17.76 13.04
N SER A 78 -26.31 18.77 13.84
CA SER A 78 -26.29 20.15 13.34
C SER A 78 -25.25 20.38 12.26
N LYS A 79 -24.16 19.61 12.29
CA LYS A 79 -23.14 19.72 11.26
C LYS A 79 -23.19 18.52 10.33
N ASN A 80 -24.17 17.65 10.57
CA ASN A 80 -24.30 16.39 9.84
C ASN A 80 -22.93 15.73 9.79
N THR A 81 -22.26 15.66 10.95
CA THR A 81 -20.88 15.19 10.98
C THR A 81 -20.68 14.23 12.14
N ALA A 82 -19.97 13.13 11.92
CA ALA A 82 -19.61 12.22 13.02
C ALA A 82 -18.15 12.41 13.42
N TYR A 83 -17.82 12.02 14.64
CA TYR A 83 -16.46 12.23 15.14
C TYR A 83 -15.87 10.98 15.79
N LEU A 84 -14.57 10.85 15.69
CA LEU A 84 -13.85 9.84 16.48
C LEU A 84 -12.78 10.53 17.31
N GLN A 85 -13.01 10.54 18.62
CA GLN A 85 -12.11 11.19 19.54
C GLN A 85 -11.16 10.14 20.08
N MET A 86 -9.87 10.30 19.80
CA MET A 86 -8.89 9.27 20.14
C MET A 86 -7.92 9.77 21.19
N ASN A 87 -7.94 9.13 22.36
CA ASN A 87 -7.00 9.47 23.43
C ASN A 87 -5.93 8.39 23.64
N SER A 88 -4.87 8.72 24.38
CA SER A 88 -3.80 7.76 24.73
C SER A 88 -3.37 6.94 23.53
N LEU A 89 -3.05 7.63 22.45
CA LEU A 89 -2.75 6.96 21.20
C LEU A 89 -1.47 6.15 21.33
N ARG A 90 -1.42 5.04 20.60
CA ARG A 90 -0.25 4.16 20.59
C ARG A 90 0.24 3.97 19.16
N ALA A 91 1.51 3.58 19.04
CA ALA A 91 2.15 3.29 17.77
C ALA A 91 1.26 2.42 16.86
N GLU A 92 0.61 1.43 17.45
CA GLU A 92 -0.18 0.46 16.70
C GLU A 92 -1.58 0.98 16.33
N ASP A 93 -1.86 2.24 16.63
CA ASP A 93 -3.10 2.90 16.19
C ASP A 93 -2.88 3.56 14.83
N THR A 94 -1.61 3.62 14.41
CA THR A 94 -1.24 4.06 13.06
C THR A 94 -1.99 3.31 11.96
N ALA A 95 -2.67 4.05 11.07
CA ALA A 95 -3.53 3.46 10.05
C ALA A 95 -4.22 4.54 9.25
N VAL A 96 -4.81 4.14 8.13
CA VAL A 96 -5.78 4.96 7.44
C VAL A 96 -7.12 4.74 8.18
N TYR A 97 -7.78 5.83 8.56
CA TYR A 97 -9.10 5.75 9.20
C TYR A 97 -10.22 6.11 8.22
N TYR A 98 -11.15 5.18 8.05
CA TYR A 98 -12.33 5.39 7.23
C TYR A 98 -13.56 5.51 8.11
N CYS A 99 -14.48 6.40 7.74
CA CYS A 99 -15.83 6.27 8.29
C CYS A 99 -16.74 5.73 7.21
N ALA A 100 -17.72 4.94 7.62
CA ALA A 100 -18.61 4.24 6.71
C ALA A 100 -20.06 4.40 7.15
N ARG A 101 -20.96 4.58 6.18
CA ARG A 101 -22.38 4.52 6.47
C ARG A 101 -22.85 3.06 6.42
N GLN A 102 -23.51 2.59 7.47
CA GLN A 102 -24.24 1.32 7.33
C GLN A 102 -25.53 1.66 6.59
N GLY A 103 -25.83 0.92 5.53
CA GLY A 103 -26.93 1.26 4.62
C GLY A 103 -28.31 1.04 5.20
N TYR A 104 -29.34 1.40 4.44
CA TYR A 104 -30.71 1.20 4.91
C TYR A 104 -31.04 -0.29 4.91
N ARG A 105 -31.59 -0.79 6.02
CA ARG A 105 -31.77 -2.22 6.25
C ARG A 105 -32.44 -2.94 5.09
N ARG A 106 -33.54 -2.36 4.61
CA ARG A 106 -34.32 -2.98 3.53
C ARG A 106 -33.53 -3.11 2.24
N ARG A 107 -32.57 -2.22 2.03
CA ARG A 107 -31.85 -2.16 0.76
C ARG A 107 -30.47 -2.78 0.81
N SER A 108 -29.86 -2.84 1.99
CA SER A 108 -28.48 -3.30 2.04
C SER A 108 -28.16 -4.05 3.32
N GLY A 109 -29.21 -4.53 3.99
CA GLY A 109 -29.03 -5.26 5.24
C GLY A 109 -28.10 -4.50 6.17
N ARG A 110 -27.06 -5.16 6.67
CA ARG A 110 -26.09 -4.44 7.52
C ARG A 110 -24.80 -4.05 6.79
N GLY A 111 -24.83 -4.13 5.45
CA GLY A 111 -23.67 -3.74 4.64
C GLY A 111 -23.28 -2.28 4.82
N PHE A 112 -21.98 -1.98 4.76
CA PHE A 112 -21.58 -0.59 4.78
C PHE A 112 -21.60 -0.10 3.34
N ASP A 113 -22.59 0.70 2.95
CA ASP A 113 -22.74 1.01 1.53
C ASP A 113 -21.91 2.19 1.01
N TYR A 114 -21.52 3.11 1.88
CA TYR A 114 -20.63 4.21 1.47
C TYR A 114 -19.48 4.40 2.44
N TRP A 115 -18.28 4.67 1.90
CA TRP A 115 -17.05 4.88 2.67
C TRP A 115 -16.39 6.20 2.26
N GLY A 116 -15.81 6.92 3.21
CA GLY A 116 -15.01 8.09 2.88
C GLY A 116 -13.70 7.69 2.24
N GLN A 117 -12.90 8.65 1.78
CA GLN A 117 -11.61 8.36 1.16
C GLN A 117 -10.53 7.94 2.17
N GLY A 118 -10.78 8.21 3.45
CA GLY A 118 -9.82 7.84 4.49
C GLY A 118 -8.86 8.95 4.88
N THR A 119 -8.44 8.95 6.14
CA THR A 119 -7.49 9.94 6.62
C THR A 119 -6.36 9.23 7.39
N LEU A 120 -5.11 9.54 7.07
CA LEU A 120 -3.98 8.82 7.66
C LEU A 120 -3.63 9.36 9.05
N VAL A 121 -3.69 8.48 10.05
CA VAL A 121 -3.23 8.82 11.40
C VAL A 121 -1.87 8.15 11.64
N THR A 122 -0.85 8.95 11.98
CA THR A 122 0.47 8.38 12.31
C THR A 122 0.79 8.63 13.77
N VAL A 123 1.01 7.57 14.53
CA VAL A 123 1.40 7.70 15.92
C VAL A 123 2.85 7.24 16.07
N SER A 124 3.74 8.18 16.37
CA SER A 124 5.16 7.88 16.48
C SER A 124 5.88 8.96 17.30
N SER A 125 7.02 8.60 17.88
CA SER A 125 7.83 9.57 18.61
C SER A 125 8.75 10.33 17.66
N ALA A 126 8.92 9.81 16.44
CA ALA A 126 9.74 10.45 15.43
C ALA A 126 9.21 11.83 15.09
N SER A 127 10.13 12.76 14.82
CA SER A 127 9.76 14.13 14.48
C SER A 127 9.56 14.26 12.98
N THR A 128 8.67 15.16 12.57
CA THR A 128 8.47 15.48 11.16
C THR A 128 9.78 15.90 10.49
N LYS A 129 10.04 15.38 9.30
CA LYS A 129 11.33 15.60 8.66
C LYS A 129 11.24 15.39 7.15
N GLY A 130 11.68 16.38 6.37
CA GLY A 130 11.68 16.26 4.94
C GLY A 130 12.81 15.33 4.49
N PRO A 131 12.67 14.78 3.28
CA PRO A 131 13.59 13.78 2.73
C PRO A 131 14.88 14.36 2.18
N SER A 132 15.97 13.58 2.23
CA SER A 132 17.13 13.84 1.39
C SER A 132 16.92 13.07 0.10
N VAL A 133 17.18 13.73 -1.03
CA VAL A 133 16.98 13.10 -2.34
C VAL A 133 18.32 12.90 -3.03
N PHE A 134 18.59 11.66 -3.45
CA PHE A 134 19.87 11.32 -4.07
C PHE A 134 19.65 10.76 -5.46
N PRO A 135 20.58 11.02 -6.38
CA PRO A 135 20.43 10.42 -7.72
C PRO A 135 20.74 8.93 -7.72
N LEU A 136 19.99 8.20 -8.55
CA LEU A 136 20.34 6.87 -8.98
C LEU A 136 20.76 7.03 -10.45
N ALA A 137 22.07 7.11 -10.65
CA ALA A 137 22.63 7.50 -11.94
C ALA A 137 22.60 6.38 -12.95
N PRO A 138 22.24 6.71 -14.19
CA PRO A 138 22.25 5.72 -15.27
C PRO A 138 23.68 5.26 -15.48
N SER A 139 23.90 3.94 -15.59
CA SER A 139 25.27 3.41 -15.69
C SER A 139 25.96 3.75 -17.02
N SER A 140 27.27 3.92 -16.96
CA SER A 140 28.09 4.18 -18.14
C SER A 140 28.01 3.00 -19.08
N LYS A 141 27.81 1.81 -18.51
CA LYS A 141 27.61 0.59 -19.28
C LYS A 141 26.43 0.71 -20.23
N SER A 142 26.29 -0.29 -21.11
CA SER A 142 25.37 -0.19 -22.23
C SER A 142 23.87 -0.24 -21.86
N THR A 143 23.43 -1.36 -21.31
CA THR A 143 22.04 -1.76 -21.41
C THR A 143 21.60 -2.83 -20.40
N SER A 144 20.32 -2.84 -20.06
CA SER A 144 19.65 -4.06 -19.59
C SER A 144 18.22 -4.07 -20.13
N GLY A 145 17.83 -5.16 -20.81
CA GLY A 145 16.52 -5.25 -21.42
C GLY A 145 16.28 -4.33 -22.62
N GLY A 146 17.33 -3.66 -23.09
CA GLY A 146 17.21 -2.76 -24.23
C GLY A 146 17.47 -1.29 -23.91
N THR A 147 17.28 -0.92 -22.65
CA THR A 147 17.34 0.49 -22.26
C THR A 147 18.30 0.72 -21.11
N ALA A 148 18.32 1.95 -20.62
CA ALA A 148 19.03 2.28 -19.39
C ALA A 148 18.00 2.62 -18.31
N ALA A 149 18.42 2.60 -17.04
CA ALA A 149 17.52 2.96 -15.96
C ALA A 149 18.13 4.03 -15.07
N LEU A 150 17.32 4.97 -14.60
CA LEU A 150 17.79 5.94 -13.63
C LEU A 150 16.68 6.22 -12.63
N GLY A 151 16.98 7.00 -11.59
CA GLY A 151 15.94 7.32 -10.64
C GLY A 151 16.39 8.23 -9.52
N CYS A 152 15.59 8.27 -8.46
CA CYS A 152 15.85 9.09 -7.29
C CYS A 152 15.55 8.32 -6.01
N LEU A 153 16.46 8.42 -5.05
CA LEU A 153 16.30 7.81 -3.74
C LEU A 153 15.84 8.89 -2.77
N VAL A 154 14.67 8.67 -2.19
CA VAL A 154 14.01 9.64 -1.34
C VAL A 154 14.07 9.06 0.04
N LYS A 155 15.07 9.50 0.80
CA LYS A 155 15.45 8.83 2.02
C LYS A 155 15.20 9.67 3.26
N ASP A 156 14.81 9.02 4.36
CA ASP A 156 14.73 9.61 5.69
C ASP A 156 13.74 10.76 5.80
N TYR A 157 12.51 10.52 5.36
CA TYR A 157 11.44 11.50 5.58
C TYR A 157 10.43 10.98 6.59
N PHE A 158 9.61 11.89 7.10
CA PHE A 158 8.58 11.50 8.06
C PHE A 158 7.64 12.66 8.35
N PRO A 159 6.32 12.36 8.44
CA PRO A 159 5.73 11.05 8.19
C PRO A 159 5.40 10.91 6.70
N GLU A 160 4.69 9.84 6.35
CA GLU A 160 4.09 9.69 5.04
C GLU A 160 3.07 10.83 4.88
N PRO A 161 2.75 11.21 3.64
CA PRO A 161 3.28 10.66 2.40
C PRO A 161 4.25 11.61 1.69
N VAL A 162 4.94 11.08 0.69
CA VAL A 162 5.68 11.90 -0.26
C VAL A 162 5.11 11.60 -1.65
N THR A 163 5.17 12.57 -2.56
CA THR A 163 4.80 12.31 -3.95
C THR A 163 6.01 12.50 -4.84
N VAL A 164 6.08 11.72 -5.92
CA VAL A 164 7.16 11.84 -6.88
C VAL A 164 6.61 11.92 -8.30
N SER A 165 7.11 12.88 -9.08
CA SER A 165 6.84 12.91 -10.51
C SER A 165 8.15 13.12 -11.26
N TRP A 166 8.12 12.97 -12.57
CA TRP A 166 9.32 13.18 -13.37
C TRP A 166 9.07 14.25 -14.44
N ASN A 167 9.99 15.22 -14.52
CA ASN A 167 9.86 16.33 -15.47
C ASN A 167 8.49 17.00 -15.36
N SER A 168 8.11 17.27 -14.11
CA SER A 168 6.86 17.96 -13.80
C SER A 168 5.62 17.33 -14.41
N GLY A 169 5.62 16.01 -14.53
CA GLY A 169 4.46 15.29 -15.03
C GLY A 169 4.53 14.95 -16.50
N ALA A 170 5.54 15.47 -17.19
CA ALA A 170 5.70 15.22 -18.62
C ALA A 170 6.18 13.79 -18.91
N LEU A 171 6.98 13.24 -17.99
CA LEU A 171 7.50 11.89 -18.13
C LEU A 171 6.72 10.91 -17.25
N THR A 172 5.95 10.03 -17.88
CA THR A 172 5.09 9.11 -17.13
C THR A 172 5.34 7.66 -17.52
N SER A 173 5.75 7.45 -18.77
CA SER A 173 5.99 6.11 -19.28
C SER A 173 7.27 5.51 -18.70
N GLY A 174 7.15 4.30 -18.18
CA GLY A 174 8.30 3.59 -17.64
C GLY A 174 8.60 3.95 -16.20
N VAL A 175 7.78 4.82 -15.61
CA VAL A 175 8.00 5.22 -14.22
C VAL A 175 7.45 4.17 -13.25
N HIS A 176 8.27 3.82 -12.26
CA HIS A 176 7.84 2.99 -11.13
C HIS A 176 8.25 3.70 -9.86
N THR A 177 7.27 4.14 -9.09
CA THR A 177 7.57 4.71 -7.78
C THR A 177 7.17 3.69 -6.73
N PHE A 178 8.15 3.27 -5.92
CA PHE A 178 7.95 2.19 -4.97
C PHE A 178 7.25 2.64 -3.71
N PRO A 179 6.46 1.74 -3.11
CA PRO A 179 5.81 2.03 -1.83
C PRO A 179 6.87 2.34 -0.79
N ALA A 180 6.61 3.29 0.10
CA ALA A 180 7.60 3.64 1.13
C ALA A 180 7.86 2.42 2.02
N VAL A 181 9.02 2.40 2.62
CA VAL A 181 9.35 1.37 3.61
C VAL A 181 9.77 2.11 4.86
N LEU A 182 9.27 1.65 6.01
CA LEU A 182 9.70 2.21 7.28
C LEU A 182 11.04 1.57 7.70
N GLN A 183 12.07 2.39 7.82
CA GLN A 183 13.40 1.89 8.21
C GLN A 183 13.49 1.68 9.73
N SER A 184 14.49 0.91 10.16
CA SER A 184 14.74 0.69 11.59
C SER A 184 14.92 1.99 12.38
N SER A 185 15.32 3.05 11.68
CA SER A 185 15.38 4.40 12.28
C SER A 185 14.00 5.01 12.53
N GLY A 186 12.95 4.38 12.02
CA GLY A 186 11.61 4.95 12.15
C GLY A 186 11.36 6.09 11.19
N LEU A 187 12.24 6.25 10.21
CA LEU A 187 11.99 7.17 9.10
C LEU A 187 11.68 6.36 7.83
N TYR A 188 10.92 6.95 6.92
CA TYR A 188 10.52 6.28 5.70
C TYR A 188 11.57 6.51 4.64
N SER A 189 11.55 5.65 3.62
CA SER A 189 12.42 5.78 2.47
C SER A 189 11.80 5.07 1.28
N LEU A 190 12.05 5.59 0.09
CA LEU A 190 11.57 4.93 -1.14
C LEU A 190 12.39 5.38 -2.33
N SER A 191 12.31 4.64 -3.43
CA SER A 191 12.95 5.09 -4.66
C SER A 191 11.91 5.22 -5.76
N SER A 192 12.16 6.12 -6.70
CA SER A 192 11.34 6.20 -7.92
C SER A 192 12.29 6.04 -9.08
N VAL A 193 12.03 5.06 -9.94
CA VAL A 193 12.89 4.81 -11.09
C VAL A 193 12.13 4.95 -12.42
N VAL A 194 12.89 5.05 -13.50
CA VAL A 194 12.32 5.16 -14.84
C VAL A 194 13.35 4.60 -15.83
N THR A 195 12.87 3.88 -16.83
CA THR A 195 13.72 3.39 -17.90
C THR A 195 13.64 4.31 -19.11
N VAL A 196 14.79 4.59 -19.72
CA VAL A 196 14.90 5.56 -20.81
C VAL A 196 15.87 5.03 -21.86
N PRO A 197 15.83 5.57 -23.09
CA PRO A 197 16.83 5.20 -24.09
C PRO A 197 18.25 5.55 -23.66
N SER A 198 19.16 4.61 -23.84
CA SER A 198 20.55 4.78 -23.40
C SER A 198 21.33 5.75 -24.25
N SER A 199 20.86 5.97 -25.48
CA SER A 199 21.56 6.78 -26.47
C SER A 199 21.34 8.28 -26.31
N SER A 200 20.43 8.66 -25.41
CA SER A 200 20.03 10.05 -25.28
C SER A 200 20.33 10.59 -23.89
N LEU A 201 21.14 9.84 -23.15
CA LEU A 201 21.41 10.17 -21.75
C LEU A 201 22.11 11.52 -21.56
N GLY A 202 22.89 11.94 -22.56
CA GLY A 202 23.58 13.23 -22.49
C GLY A 202 22.70 14.39 -22.92
N THR A 203 21.85 14.15 -23.92
CA THR A 203 21.07 15.22 -24.53
C THR A 203 19.64 15.33 -23.99
N GLN A 204 19.27 14.40 -23.12
CA GLN A 204 17.96 14.44 -22.50
C GLN A 204 18.07 14.87 -21.04
N THR A 205 17.01 15.51 -20.54
CA THR A 205 16.99 15.96 -19.15
C THR A 205 15.96 15.14 -18.36
N TYR A 206 16.40 14.61 -17.22
CA TYR A 206 15.49 13.89 -16.33
C TYR A 206 15.56 14.48 -14.93
N ILE A 207 14.40 14.93 -14.45
CA ILE A 207 14.34 15.58 -13.14
C ILE A 207 13.22 14.95 -12.32
N CYS A 208 13.56 14.53 -11.10
CA CYS A 208 12.51 14.05 -10.22
C CYS A 208 12.04 15.18 -9.32
N ASN A 209 10.72 15.28 -9.24
CA ASN A 209 10.05 16.28 -8.44
C ASN A 209 9.49 15.58 -7.24
N VAL A 210 10.04 15.91 -6.08
CA VAL A 210 9.69 15.26 -4.85
C VAL A 210 8.97 16.26 -3.95
N ASN A 211 7.78 15.92 -3.50
CA ASN A 211 7.00 16.82 -2.63
C ASN A 211 6.62 16.16 -1.30
N HIS A 212 7.06 16.78 -0.21
CA HIS A 212 6.71 16.31 1.13
C HIS A 212 6.00 17.39 1.94
N LYS A 213 4.69 17.49 1.74
CA LYS A 213 3.86 18.51 2.37
C LYS A 213 4.00 18.66 3.89
N PRO A 214 4.05 17.56 4.65
CA PRO A 214 4.14 17.77 6.10
C PRO A 214 5.35 18.58 6.56
N SER A 215 6.39 18.69 5.75
CA SER A 215 7.61 19.36 6.21
C SER A 215 7.93 20.59 5.39
N ASN A 216 6.98 21.02 4.56
CA ASN A 216 7.22 22.13 3.65
C ASN A 216 8.49 21.88 2.83
N THR A 217 8.58 20.69 2.25
CA THR A 217 9.75 20.35 1.48
C THR A 217 9.33 19.95 0.09
N LYS A 218 9.89 20.62 -0.90
CA LYS A 218 9.74 20.23 -2.29
C LYS A 218 11.10 20.39 -2.92
N VAL A 219 11.58 19.31 -3.53
CA VAL A 219 12.93 19.24 -4.07
C VAL A 219 12.83 18.83 -5.53
N ASP A 220 13.68 19.39 -6.39
CA ASP A 220 13.79 18.91 -7.77
C ASP A 220 15.24 18.50 -7.99
N LYS A 221 15.45 17.23 -8.30
CA LYS A 221 16.81 16.74 -8.50
C LYS A 221 17.02 16.25 -9.93
N LYS A 222 17.98 16.87 -10.61
CA LYS A 222 18.33 16.47 -11.96
C LYS A 222 19.22 15.24 -11.85
N VAL A 223 18.91 14.20 -12.62
CA VAL A 223 19.65 12.96 -12.52
C VAL A 223 20.49 12.76 -13.76
N GLU A 224 21.81 12.89 -13.59
CA GLU A 224 22.73 12.81 -14.70
C GLU A 224 23.63 11.60 -14.62
N PRO A 225 24.17 11.15 -15.78
CA PRO A 225 25.24 10.15 -15.76
C PRO A 225 26.39 10.66 -14.91
N LYS A 226 26.93 9.81 -14.05
CA LYS A 226 28.06 10.17 -13.18
C LYS A 226 29.31 10.48 -14.01
N SER A 227 30.18 11.34 -13.49
CA SER A 227 31.41 11.77 -14.16
C SER A 227 32.33 10.62 -14.63
N CYS A 228 32.45 9.59 -13.79
CA CYS A 228 33.29 8.41 -14.07
C CYS A 228 34.75 8.78 -14.35
N SER B 1 -17.26 -14.66 23.35
CA SER B 1 -16.10 -14.88 22.47
C SER B 1 -16.26 -14.16 21.14
N ASP B 2 -15.19 -13.52 20.68
CA ASP B 2 -15.21 -12.84 19.38
C ASP B 2 -15.40 -13.85 18.27
N ILE B 3 -16.07 -13.44 17.19
CA ILE B 3 -16.27 -14.33 16.06
C ILE B 3 -15.12 -14.21 15.06
N GLN B 4 -14.55 -15.34 14.66
CA GLN B 4 -13.49 -15.40 13.66
C GLN B 4 -14.08 -15.56 12.26
N MET B 5 -13.47 -14.87 11.29
CA MET B 5 -13.81 -15.06 9.89
C MET B 5 -12.51 -15.45 9.18
N THR B 6 -12.36 -16.73 8.89
CA THR B 6 -11.11 -17.23 8.32
C THR B 6 -11.24 -17.24 6.80
N GLN B 7 -10.52 -16.37 6.11
CA GLN B 7 -10.68 -16.23 4.67
C GLN B 7 -9.57 -16.92 3.88
N SER B 8 -9.93 -17.59 2.79
CA SER B 8 -8.95 -18.25 1.91
C SER B 8 -9.45 -18.22 0.46
N PRO B 9 -8.51 -18.24 -0.51
CA PRO B 9 -7.05 -18.20 -0.28
C PRO B 9 -6.65 -16.77 -0.04
N SER B 10 -5.46 -16.54 0.51
CA SER B 10 -5.06 -15.18 0.80
C SER B 10 -4.64 -14.47 -0.49
N SER B 11 -4.28 -15.25 -1.51
CA SER B 11 -4.02 -14.69 -2.82
C SER B 11 -4.35 -15.68 -3.91
N LEU B 12 -4.57 -15.18 -5.12
CA LEU B 12 -5.01 -16.01 -6.22
C LEU B 12 -4.64 -15.32 -7.53
N SER B 13 -4.08 -16.07 -8.47
CA SER B 13 -3.76 -15.57 -9.80
C SER B 13 -4.76 -16.20 -10.74
N ALA B 14 -5.38 -15.39 -11.61
CA ALA B 14 -6.37 -15.91 -12.55
C ALA B 14 -6.31 -15.15 -13.87
N SER B 15 -6.84 -15.76 -14.92
CA SER B 15 -6.93 -15.09 -16.22
C SER B 15 -8.29 -14.40 -16.36
N VAL B 16 -8.34 -13.33 -17.15
CA VAL B 16 -9.61 -12.70 -17.47
C VAL B 16 -10.53 -13.76 -18.05
N GLY B 17 -11.80 -13.75 -17.65
CA GLY B 17 -12.76 -14.72 -18.15
C GLY B 17 -12.91 -15.94 -17.27
N ASP B 18 -11.95 -16.18 -16.37
CA ASP B 18 -12.03 -17.28 -15.42
C ASP B 18 -13.13 -17.09 -14.37
N ARG B 19 -13.66 -18.20 -13.87
CA ARG B 19 -14.59 -18.20 -12.74
C ARG B 19 -13.75 -18.36 -11.46
N VAL B 20 -13.90 -17.45 -10.49
CA VAL B 20 -13.19 -17.64 -9.22
C VAL B 20 -14.09 -17.61 -7.99
N THR B 21 -13.66 -18.32 -6.96
CA THR B 21 -14.42 -18.39 -5.72
C THR B 21 -13.50 -18.08 -4.53
N ILE B 22 -14.02 -17.28 -3.61
CA ILE B 22 -13.30 -16.82 -2.44
C ILE B 22 -14.18 -17.24 -1.26
N THR B 23 -13.55 -17.79 -0.22
CA THR B 23 -14.31 -18.37 0.88
C THR B 23 -13.96 -17.76 2.22
N CYS B 24 -14.97 -17.60 3.06
CA CYS B 24 -14.84 -17.13 4.42
C CYS B 24 -15.56 -18.06 5.35
N ARG B 25 -14.86 -18.53 6.37
CA ARG B 25 -15.46 -19.49 7.27
C ARG B 25 -15.56 -18.93 8.67
N ALA B 26 -16.80 -18.81 9.14
CA ALA B 26 -17.08 -18.22 10.44
C ALA B 26 -16.87 -19.29 11.50
N SER B 27 -16.51 -18.85 12.71
CA SER B 27 -16.16 -19.77 13.78
C SER B 27 -17.35 -20.03 14.70
N GLN B 28 -18.44 -19.29 14.48
CA GLN B 28 -19.70 -19.45 15.21
C GLN B 28 -20.77 -19.03 14.22
N SER B 29 -22.04 -19.28 14.54
CA SER B 29 -23.12 -18.84 13.65
C SER B 29 -23.08 -17.32 13.49
N VAL B 30 -23.19 -16.85 12.25
CA VAL B 30 -23.36 -15.42 12.01
C VAL B 30 -24.66 -15.20 11.23
N SER B 31 -25.55 -16.18 11.32
CA SER B 31 -26.78 -16.21 10.53
C SER B 31 -26.46 -15.93 9.06
N SER B 32 -27.04 -14.88 8.49
CA SER B 32 -26.68 -14.51 7.12
C SER B 32 -26.10 -13.11 7.04
N ALA B 33 -25.67 -12.56 8.18
CA ALA B 33 -25.22 -11.17 8.22
C ALA B 33 -23.77 -11.04 7.76
N VAL B 34 -23.51 -11.39 6.51
CA VAL B 34 -22.18 -11.35 5.95
C VAL B 34 -22.16 -10.48 4.70
N ALA B 35 -21.20 -9.57 4.63
CA ALA B 35 -21.07 -8.69 3.48
C ALA B 35 -19.72 -8.93 2.83
N TRP B 36 -19.61 -8.62 1.54
CA TRP B 36 -18.35 -8.75 0.81
C TRP B 36 -18.08 -7.42 0.13
N TYR B 37 -16.81 -7.04 0.20
CA TYR B 37 -16.28 -5.77 -0.29
C TYR B 37 -15.11 -5.96 -1.25
N GLN B 38 -14.98 -5.02 -2.17
CA GLN B 38 -13.84 -4.94 -3.08
C GLN B 38 -13.02 -3.69 -2.73
N GLN B 39 -11.69 -3.84 -2.67
CA GLN B 39 -10.78 -2.73 -2.40
C GLN B 39 -9.60 -2.72 -3.38
N LYS B 40 -9.47 -1.63 -4.13
CA LYS B 40 -8.32 -1.42 -5.01
C LYS B 40 -7.27 -0.57 -4.28
N PRO B 41 -6.00 -0.66 -4.68
CA PRO B 41 -4.92 0.00 -3.92
C PRO B 41 -5.12 1.51 -3.76
N GLY B 42 -4.98 2.00 -2.52
CA GLY B 42 -5.18 3.41 -2.24
C GLY B 42 -6.65 3.87 -2.19
N LYS B 43 -7.60 2.96 -2.39
CA LYS B 43 -9.02 3.34 -2.41
C LYS B 43 -9.78 2.79 -1.21
N ALA B 44 -10.98 3.32 -0.98
CA ALA B 44 -11.87 2.78 0.03
C ALA B 44 -12.47 1.45 -0.46
N PRO B 45 -12.86 0.57 0.47
CA PRO B 45 -13.62 -0.62 0.08
C PRO B 45 -14.94 -0.24 -0.60
N LYS B 46 -15.45 -1.08 -1.49
CA LYS B 46 -16.79 -0.92 -2.05
C LYS B 46 -17.67 -2.13 -1.79
N LEU B 47 -18.92 -1.89 -1.41
CA LEU B 47 -19.85 -2.97 -1.10
C LEU B 47 -20.27 -3.73 -2.38
N LEU B 48 -20.19 -5.06 -2.33
CA LEU B 48 -20.62 -5.89 -3.45
C LEU B 48 -21.88 -6.64 -3.03
N ILE B 49 -21.79 -7.33 -1.89
CA ILE B 49 -22.84 -8.27 -1.50
C ILE B 49 -23.21 -8.03 -0.05
N TYR B 50 -24.50 -8.07 0.28
CA TYR B 50 -24.91 -7.98 1.68
C TYR B 50 -25.82 -9.14 2.05
N SER B 51 -25.98 -9.40 3.35
CA SER B 51 -26.81 -10.50 3.81
C SER B 51 -26.46 -11.80 3.06
N ALA B 52 -25.16 -12.01 2.85
CA ALA B 52 -24.61 -13.29 2.31
C ALA B 52 -24.77 -13.49 0.81
N SER B 53 -25.95 -13.15 0.29
CA SER B 53 -26.29 -13.48 -1.10
C SER B 53 -27.01 -12.39 -1.90
N SER B 54 -27.32 -11.25 -1.28
CA SER B 54 -27.97 -10.18 -2.03
C SER B 54 -26.98 -9.26 -2.72
N LEU B 55 -27.24 -8.98 -3.98
CA LEU B 55 -26.35 -8.15 -4.79
C LEU B 55 -26.65 -6.68 -4.48
N TYR B 56 -25.64 -5.93 -4.03
CA TYR B 56 -25.87 -4.51 -3.75
C TYR B 56 -26.26 -3.81 -5.04
N SER B 57 -27.18 -2.87 -4.93
CA SER B 57 -27.69 -2.14 -6.09
C SER B 57 -26.56 -1.58 -6.96
N GLY B 58 -26.67 -1.81 -8.26
CA GLY B 58 -25.67 -1.29 -9.19
C GLY B 58 -24.42 -2.15 -9.33
N VAL B 59 -24.32 -3.24 -8.56
CA VAL B 59 -23.17 -4.13 -8.72
C VAL B 59 -23.43 -5.16 -9.82
N PRO B 60 -22.45 -5.39 -10.71
CA PRO B 60 -22.69 -6.30 -11.85
C PRO B 60 -23.02 -7.75 -11.44
N SER B 61 -23.87 -8.42 -12.22
CA SER B 61 -24.40 -9.71 -11.79
C SER B 61 -23.39 -10.85 -11.83
N ARG B 62 -22.21 -10.62 -12.41
CA ARG B 62 -21.18 -11.66 -12.32
C ARG B 62 -20.72 -11.92 -10.88
N PHE B 63 -20.98 -10.97 -9.98
CA PHE B 63 -20.65 -11.18 -8.57
C PHE B 63 -21.84 -11.83 -7.89
N SER B 64 -21.61 -12.94 -7.19
CA SER B 64 -22.68 -13.52 -6.38
C SER B 64 -22.13 -14.07 -5.08
N GLY B 65 -23.00 -14.21 -4.09
CA GLY B 65 -22.59 -14.75 -2.82
C GLY B 65 -23.48 -15.89 -2.40
N SER B 66 -22.93 -16.81 -1.63
CA SER B 66 -23.77 -17.86 -1.07
C SER B 66 -23.36 -18.22 0.36
N ARG B 67 -24.30 -18.79 1.07
CA ARG B 67 -24.11 -19.24 2.43
C ARG B 67 -24.33 -20.75 2.51
N SER B 68 -23.38 -21.48 3.09
CA SER B 68 -23.57 -22.88 3.46
C SER B 68 -23.23 -23.05 4.93
N GLY B 69 -24.26 -22.88 5.77
CA GLY B 69 -24.11 -22.98 7.20
C GLY B 69 -23.30 -21.81 7.73
N THR B 70 -22.09 -22.08 8.17
CA THR B 70 -21.21 -21.01 8.63
C THR B 70 -20.08 -20.75 7.66
N ASP B 71 -20.17 -21.33 6.46
CA ASP B 71 -19.20 -21.04 5.40
C ASP B 71 -19.83 -20.15 4.32
N PHE B 72 -19.09 -19.17 3.84
CA PHE B 72 -19.65 -18.18 2.92
C PHE B 72 -18.73 -18.02 1.73
N THR B 73 -19.31 -17.86 0.55
CA THR B 73 -18.48 -17.80 -0.65
C THR B 73 -18.90 -16.62 -1.51
N LEU B 74 -17.90 -15.93 -2.06
CA LEU B 74 -18.09 -14.93 -3.09
C LEU B 74 -17.57 -15.54 -4.39
N THR B 75 -18.39 -15.51 -5.44
CA THR B 75 -18.02 -16.07 -6.73
C THR B 75 -18.07 -14.97 -7.77
N ILE B 76 -17.01 -14.86 -8.56
CA ILE B 76 -17.04 -14.02 -9.74
C ILE B 76 -17.13 -15.00 -10.91
N SER B 77 -18.26 -14.98 -11.62
CA SER B 77 -18.53 -16.02 -12.62
C SER B 77 -17.58 -15.93 -13.81
N SER B 78 -17.20 -14.70 -14.17
CA SER B 78 -16.26 -14.48 -15.27
C SER B 78 -15.51 -13.16 -15.03
N LEU B 79 -14.25 -13.26 -14.60
CA LEU B 79 -13.45 -12.08 -14.27
C LEU B 79 -13.32 -11.12 -15.44
N GLN B 80 -13.45 -9.83 -15.17
CA GLN B 80 -13.17 -8.82 -16.18
C GLN B 80 -11.96 -8.01 -15.66
N PRO B 81 -11.32 -7.23 -16.54
CA PRO B 81 -10.07 -6.54 -16.17
C PRO B 81 -10.21 -5.73 -14.89
N GLU B 82 -11.33 -5.03 -14.74
CA GLU B 82 -11.53 -4.15 -13.60
C GLU B 82 -11.77 -4.93 -12.30
N ASP B 83 -11.89 -6.26 -12.34
CA ASP B 83 -12.22 -7.04 -11.14
C ASP B 83 -10.98 -7.45 -10.33
N PHE B 84 -9.80 -7.09 -10.81
CA PHE B 84 -8.58 -7.45 -10.09
C PHE B 84 -8.36 -6.48 -8.94
N ALA B 85 -8.30 -7.03 -7.73
CA ALA B 85 -8.45 -6.22 -6.53
C ALA B 85 -8.32 -7.14 -5.33
N THR B 86 -8.43 -6.57 -4.13
CA THR B 86 -8.51 -7.38 -2.94
C THR B 86 -9.96 -7.47 -2.45
N TYR B 87 -10.37 -8.62 -1.93
CA TYR B 87 -11.76 -8.83 -1.49
C TYR B 87 -11.83 -9.20 -0.02
N TYR B 88 -12.78 -8.63 0.71
CA TYR B 88 -12.90 -8.88 2.14
C TYR B 88 -14.33 -9.32 2.49
N CYS B 89 -14.47 -10.34 3.32
CA CYS B 89 -15.77 -10.65 3.91
C CYS B 89 -15.84 -9.93 5.25
N GLN B 90 -17.05 -9.73 5.75
CA GLN B 90 -17.30 -9.10 7.03
C GLN B 90 -18.54 -9.70 7.66
N GLN B 91 -18.45 -10.16 8.91
CA GLN B 91 -19.66 -10.58 9.62
C GLN B 91 -20.10 -9.40 10.46
N SER B 92 -21.39 -9.08 10.39
CA SER B 92 -21.98 -8.07 11.27
C SER B 92 -23.18 -8.64 12.01
N TYR B 93 -23.12 -9.93 12.35
CA TYR B 93 -24.16 -10.57 13.13
C TYR B 93 -24.20 -10.01 14.54
N SER B 94 -23.02 -9.80 15.11
CA SER B 94 -22.95 -9.20 16.44
C SER B 94 -21.70 -8.35 16.58
N PHE B 95 -21.66 -7.50 17.60
CA PHE B 95 -20.48 -6.68 17.86
C PHE B 95 -19.52 -7.50 18.72
N PRO B 96 -18.20 -7.34 18.50
CA PRO B 96 -17.60 -6.49 17.48
C PRO B 96 -17.69 -7.14 16.09
N SER B 97 -17.70 -6.33 15.04
CA SER B 97 -17.66 -6.80 13.66
C SER B 97 -16.30 -7.44 13.36
N THR B 98 -16.27 -8.51 12.57
CA THR B 98 -15.01 -9.15 12.16
C THR B 98 -14.82 -9.08 10.64
N PHE B 99 -13.62 -8.72 10.18
CA PHE B 99 -13.28 -8.80 8.76
C PHE B 99 -12.36 -10.01 8.50
N GLY B 100 -12.56 -10.69 7.37
CA GLY B 100 -11.61 -11.70 6.94
C GLY B 100 -10.31 -11.04 6.50
N GLN B 101 -9.21 -11.79 6.48
CA GLN B 101 -7.92 -11.16 6.20
C GLN B 101 -7.71 -10.81 4.72
N GLY B 102 -8.69 -11.09 3.88
CA GLY B 102 -8.62 -10.60 2.52
C GLY B 102 -8.12 -11.64 1.53
N THR B 103 -8.54 -11.49 0.27
CA THR B 103 -8.00 -12.29 -0.82
C THR B 103 -7.57 -11.36 -1.92
N LYS B 104 -6.28 -11.36 -2.27
CA LYS B 104 -5.83 -10.54 -3.39
C LYS B 104 -5.96 -11.32 -4.70
N VAL B 105 -6.72 -10.78 -5.64
CA VAL B 105 -6.91 -11.44 -6.94
C VAL B 105 -6.07 -10.72 -7.99
N GLU B 106 -5.08 -11.43 -8.52
CA GLU B 106 -4.13 -10.86 -9.48
C GLU B 106 -4.22 -11.54 -10.85
N ILE B 107 -3.76 -10.84 -11.88
CA ILE B 107 -3.91 -11.31 -13.26
C ILE B 107 -2.72 -12.16 -13.68
N LYS B 108 -3.00 -13.34 -14.25
CA LYS B 108 -1.95 -14.17 -14.80
C LYS B 108 -1.51 -13.61 -16.15
N ARG B 109 -0.25 -13.85 -16.50
CA ARG B 109 0.25 -13.48 -17.82
C ARG B 109 1.47 -14.34 -18.10
N THR B 110 2.11 -14.15 -19.25
CA THR B 110 3.27 -14.96 -19.57
C THR B 110 4.46 -14.56 -18.69
N VAL B 111 5.36 -15.50 -18.50
CA VAL B 111 6.58 -15.24 -17.76
C VAL B 111 7.36 -14.11 -18.44
N ALA B 112 7.92 -13.22 -17.62
CA ALA B 112 8.74 -12.13 -18.11
C ALA B 112 9.95 -11.99 -17.18
N ALA B 113 11.13 -12.04 -17.77
CA ALA B 113 12.36 -11.91 -17.00
C ALA B 113 12.53 -10.48 -16.54
N PRO B 114 13.10 -10.29 -15.34
CA PRO B 114 13.42 -8.94 -14.89
C PRO B 114 14.59 -8.37 -15.70
N SER B 115 14.55 -7.08 -15.97
CA SER B 115 15.76 -6.38 -16.38
C SER B 115 16.41 -5.92 -15.08
N VAL B 116 17.71 -6.12 -14.93
CA VAL B 116 18.36 -5.83 -13.64
C VAL B 116 19.34 -4.67 -13.74
N PHE B 117 19.28 -3.78 -12.74
CA PHE B 117 20.19 -2.65 -12.69
C PHE B 117 20.71 -2.45 -11.26
N ILE B 118 21.98 -2.09 -11.11
CA ILE B 118 22.52 -1.79 -9.79
C ILE B 118 22.99 -0.32 -9.74
N PHE B 119 22.77 0.34 -8.61
CA PHE B 119 23.12 1.74 -8.43
C PHE B 119 23.95 1.92 -7.17
N PRO B 120 25.16 2.46 -7.34
CA PRO B 120 26.03 2.76 -6.20
C PRO B 120 25.48 3.98 -5.47
N PRO B 121 25.90 4.18 -4.23
CA PRO B 121 25.49 5.40 -3.54
C PRO B 121 26.10 6.65 -4.20
N SER B 122 25.39 7.78 -4.15
CA SER B 122 25.91 9.03 -4.67
C SER B 122 26.98 9.57 -3.72
N ASP B 123 27.85 10.45 -4.22
CA ASP B 123 28.87 11.09 -3.37
C ASP B 123 28.20 11.96 -2.30
N GLU B 124 27.14 12.66 -2.69
CA GLU B 124 26.40 13.52 -1.77
C GLU B 124 25.92 12.77 -0.53
N GLN B 125 25.36 11.57 -0.72
CA GLN B 125 24.90 10.75 0.41
C GLN B 125 26.07 10.28 1.26
N LEU B 126 27.10 9.79 0.58
CA LEU B 126 28.32 9.33 1.26
C LEU B 126 28.87 10.36 2.24
N LYS B 127 28.94 11.62 1.79
CA LYS B 127 29.45 12.67 2.66
C LYS B 127 28.55 12.95 3.86
N SER B 128 27.49 12.16 4.03
CA SER B 128 26.61 12.32 5.18
C SER B 128 26.69 11.12 6.13
N GLY B 129 27.51 10.14 5.77
CA GLY B 129 27.79 9.04 6.69
C GLY B 129 27.12 7.69 6.47
N THR B 130 26.32 7.60 5.41
CA THR B 130 25.62 6.35 5.10
C THR B 130 25.65 6.09 3.60
N ALA B 131 25.73 4.82 3.24
CA ALA B 131 25.73 4.37 1.86
C ALA B 131 24.50 3.51 1.60
N SER B 132 23.69 3.93 0.63
CA SER B 132 22.59 3.11 0.15
C SER B 132 22.91 2.56 -1.23
N VAL B 133 22.84 1.23 -1.37
CA VAL B 133 23.05 0.63 -2.68
C VAL B 133 21.74 0.05 -3.19
N VAL B 134 21.37 0.34 -4.43
CA VAL B 134 20.04 -0.08 -4.88
C VAL B 134 20.12 -1.07 -6.03
N CYS B 135 19.35 -2.14 -5.92
CA CYS B 135 19.22 -3.09 -7.00
C CYS B 135 17.77 -3.06 -7.48
N LEU B 136 17.60 -2.90 -8.79
CA LEU B 136 16.30 -2.78 -9.41
C LEU B 136 16.01 -3.99 -10.28
N LEU B 137 14.87 -4.63 -10.01
CA LEU B 137 14.34 -5.67 -10.87
C LEU B 137 13.12 -5.08 -11.59
N ASN B 138 13.22 -4.97 -12.92
CA ASN B 138 12.20 -4.24 -13.65
C ASN B 138 11.35 -5.11 -14.57
N ASN B 139 10.03 -4.94 -14.42
CA ASN B 139 9.04 -5.49 -15.34
C ASN B 139 9.07 -7.00 -15.51
N PHE B 140 8.88 -7.72 -14.40
CA PHE B 140 8.93 -9.17 -14.43
C PHE B 140 7.62 -9.82 -14.00
N TYR B 141 7.52 -11.12 -14.26
CA TYR B 141 6.36 -11.88 -13.84
C TYR B 141 6.78 -13.35 -13.88
N PRO B 142 6.41 -14.13 -12.84
CA PRO B 142 5.58 -13.80 -11.68
C PRO B 142 6.33 -13.03 -10.60
N ARG B 143 5.67 -12.78 -9.47
CA ARG B 143 6.22 -11.95 -8.39
C ARG B 143 7.46 -12.55 -7.75
N GLU B 144 7.43 -13.87 -7.58
CA GLU B 144 8.48 -14.60 -6.87
C GLU B 144 9.85 -14.33 -7.49
N ALA B 145 10.77 -13.88 -6.66
CA ALA B 145 12.11 -13.52 -7.12
C ALA B 145 13.05 -13.54 -5.93
N LYS B 146 14.31 -13.89 -6.18
CA LYS B 146 15.28 -13.91 -5.09
C LYS B 146 16.42 -12.92 -5.37
N VAL B 147 16.66 -12.01 -4.43
CA VAL B 147 17.70 -11.03 -4.62
C VAL B 147 18.65 -11.15 -3.45
N GLN B 148 19.92 -11.43 -3.70
CA GLN B 148 20.88 -11.39 -2.62
C GLN B 148 22.10 -10.48 -2.86
N TRP B 149 22.61 -9.91 -1.79
CA TRP B 149 23.72 -8.97 -1.87
C TRP B 149 25.03 -9.64 -1.51
N LYS B 150 26.09 -9.31 -2.25
CA LYS B 150 27.43 -9.75 -1.92
C LYS B 150 28.37 -8.57 -1.93
N VAL B 151 29.20 -8.44 -0.91
CA VAL B 151 30.25 -7.43 -0.95
C VAL B 151 31.60 -8.13 -0.78
N ASP B 152 32.47 -7.90 -1.76
CA ASP B 152 33.67 -8.72 -1.94
C ASP B 152 33.34 -10.19 -1.71
N ASN B 153 32.31 -10.67 -2.40
CA ASN B 153 31.88 -12.07 -2.34
C ASN B 153 31.33 -12.57 -1.00
N ALA B 154 31.22 -11.71 -0.01
CA ALA B 154 30.59 -12.12 1.24
C ALA B 154 29.06 -11.91 1.18
N LEU B 155 28.28 -12.96 1.42
CA LEU B 155 26.81 -12.87 1.42
C LEU B 155 26.26 -11.95 2.52
N GLN B 156 25.56 -10.89 2.15
CA GLN B 156 24.95 -10.02 3.15
C GLN B 156 23.64 -10.58 3.71
N SER B 157 23.32 -10.25 4.96
CA SER B 157 22.05 -10.67 5.57
C SER B 157 21.60 -9.69 6.63
N GLY B 158 20.32 -9.30 6.56
CA GLY B 158 19.74 -8.43 7.57
C GLY B 158 19.92 -6.93 7.36
N ASN B 159 20.64 -6.54 6.31
CA ASN B 159 20.92 -5.12 6.07
C ASN B 159 20.36 -4.66 4.72
N SER B 160 19.33 -5.35 4.22
CA SER B 160 18.64 -4.92 3.01
C SER B 160 17.13 -4.96 3.20
N GLN B 161 16.42 -4.16 2.41
CA GLN B 161 14.95 -4.15 2.45
C GLN B 161 14.39 -4.12 1.04
N GLU B 162 13.29 -4.83 0.83
CA GLU B 162 12.69 -4.91 -0.50
C GLU B 162 11.37 -4.19 -0.55
N SER B 163 11.04 -3.67 -1.73
CA SER B 163 9.76 -3.04 -1.95
C SER B 163 9.32 -3.40 -3.37
N VAL B 164 8.04 -3.66 -3.55
CA VAL B 164 7.55 -4.14 -4.85
C VAL B 164 6.34 -3.31 -5.27
N THR B 165 6.22 -3.02 -6.56
CA THR B 165 5.06 -2.29 -7.05
C THR B 165 3.84 -3.18 -7.13
N GLU B 166 2.66 -2.57 -7.22
CA GLU B 166 1.46 -3.32 -7.58
C GLU B 166 1.59 -3.76 -9.03
N GLN B 167 0.88 -4.83 -9.41
CA GLN B 167 0.88 -5.33 -10.78
C GLN B 167 0.55 -4.19 -11.75
N ASP B 168 1.38 -4.01 -12.78
CA ASP B 168 1.21 -2.86 -13.67
C ASP B 168 -0.10 -2.90 -14.44
N SER B 169 -0.75 -1.75 -14.57
CA SER B 169 -2.06 -1.65 -15.23
C SER B 169 -2.02 -2.11 -16.69
N LYS B 170 -0.90 -1.86 -17.38
CA LYS B 170 -0.76 -2.22 -18.79
C LYS B 170 -0.25 -3.64 -19.03
N ASP B 171 0.95 -3.95 -18.53
CA ASP B 171 1.57 -5.21 -18.87
C ASP B 171 1.47 -6.28 -17.81
N SER B 172 0.84 -5.94 -16.67
CA SER B 172 0.66 -6.87 -15.58
C SER B 172 1.97 -7.41 -14.99
N THR B 173 3.07 -6.67 -15.13
CA THR B 173 4.34 -7.07 -14.54
C THR B 173 4.56 -6.44 -13.18
N TYR B 174 5.57 -6.91 -12.45
CA TYR B 174 5.97 -6.30 -11.19
C TYR B 174 7.34 -5.62 -11.35
N SER B 175 7.62 -4.63 -10.52
CA SER B 175 9.00 -4.20 -10.39
C SER B 175 9.36 -4.18 -8.90
N LEU B 176 10.64 -4.37 -8.60
CA LEU B 176 11.07 -4.55 -7.24
C LEU B 176 12.40 -3.82 -7.00
N SER B 177 12.50 -3.19 -5.84
CA SER B 177 13.76 -2.60 -5.39
C SER B 177 14.27 -3.32 -4.15
N SER B 178 15.57 -3.57 -4.12
CA SER B 178 16.24 -4.04 -2.92
C SER B 178 17.29 -3.00 -2.55
N THR B 179 17.27 -2.55 -1.31
CA THR B 179 18.17 -1.50 -0.88
C THR B 179 19.07 -2.01 0.25
N LEU B 180 20.38 -2.02 0.00
CA LEU B 180 21.38 -2.44 0.99
C LEU B 180 21.86 -1.19 1.71
N THR B 181 21.80 -1.19 3.02
CA THR B 181 22.26 -0.02 3.78
C THR B 181 23.54 -0.36 4.56
N LEU B 182 24.56 0.50 4.42
CA LEU B 182 25.81 0.33 5.15
C LEU B 182 26.27 1.67 5.68
N SER B 183 27.01 1.67 6.78
CA SER B 183 27.74 2.86 7.18
C SER B 183 28.73 3.27 6.09
N LYS B 184 29.11 4.54 6.06
CA LYS B 184 30.15 5.01 5.17
C LYS B 184 31.45 4.22 5.37
N ALA B 185 31.80 3.95 6.63
CA ALA B 185 33.06 3.26 6.95
C ALA B 185 33.10 1.82 6.40
N ASP B 186 32.05 1.06 6.73
CA ASP B 186 31.94 -0.30 6.21
C ASP B 186 31.96 -0.30 4.69
N TYR B 187 31.23 0.63 4.08
CA TYR B 187 31.15 0.71 2.63
C TYR B 187 32.54 0.93 2.02
N GLU B 188 33.33 1.78 2.68
CA GLU B 188 34.66 2.11 2.17
C GLU B 188 35.72 1.03 2.44
N LYS B 189 35.42 0.08 3.32
CA LYS B 189 36.30 -1.08 3.52
C LYS B 189 36.30 -2.09 2.36
N HIS B 190 35.36 -1.97 1.43
CA HIS B 190 35.23 -3.03 0.42
C HIS B 190 35.12 -2.51 -0.99
N LYS B 191 35.42 -3.36 -1.95
CA LYS B 191 35.50 -2.93 -3.34
C LYS B 191 34.31 -3.36 -4.22
N VAL B 192 34.03 -4.66 -4.22
CA VAL B 192 33.07 -5.20 -5.17
C VAL B 192 31.67 -5.35 -4.56
N TYR B 193 30.71 -4.63 -5.15
CA TYR B 193 29.32 -4.69 -4.69
C TYR B 193 28.49 -5.33 -5.77
N ALA B 194 27.83 -6.43 -5.43
CA ALA B 194 27.06 -7.19 -6.40
C ALA B 194 25.66 -7.52 -5.88
N CYS B 195 24.67 -7.46 -6.76
CA CYS B 195 23.41 -8.08 -6.42
C CYS B 195 23.10 -9.21 -7.41
N GLU B 196 22.66 -10.34 -6.86
CA GLU B 196 22.39 -11.54 -7.63
C GLU B 196 20.90 -11.82 -7.63
N VAL B 197 20.35 -11.98 -8.83
CA VAL B 197 18.91 -12.12 -9.00
C VAL B 197 18.57 -13.48 -9.58
N THR B 198 17.67 -14.18 -8.90
CA THR B 198 17.16 -15.45 -9.41
C THR B 198 15.67 -15.34 -9.72
N HIS B 199 15.29 -15.76 -10.92
CA HIS B 199 13.91 -15.67 -11.34
C HIS B 199 13.58 -16.65 -12.47
N GLN B 200 12.35 -17.15 -12.45
CA GLN B 200 11.88 -18.17 -13.38
C GLN B 200 12.13 -17.81 -14.86
N GLY B 201 12.06 -16.52 -15.18
CA GLY B 201 12.23 -16.08 -16.56
C GLY B 201 13.66 -16.01 -17.06
N LEU B 202 14.62 -16.10 -16.15
CA LEU B 202 16.03 -16.04 -16.54
C LEU B 202 16.56 -17.45 -16.83
N SER B 203 17.23 -17.60 -17.97
CA SER B 203 17.92 -18.85 -18.28
C SER B 203 18.84 -19.29 -17.12
N SER B 204 19.55 -18.33 -16.53
CA SER B 204 20.38 -18.57 -15.34
C SER B 204 20.42 -17.30 -14.48
N PRO B 205 20.73 -17.42 -13.17
CA PRO B 205 20.78 -16.23 -12.31
C PRO B 205 21.68 -15.11 -12.87
N VAL B 206 21.25 -13.87 -12.69
CA VAL B 206 21.92 -12.69 -13.24
C VAL B 206 22.60 -11.94 -12.11
N THR B 207 23.83 -11.53 -12.32
CA THR B 207 24.57 -10.74 -11.33
C THR B 207 24.86 -9.37 -11.91
N LYS B 208 24.60 -8.33 -11.14
CA LYS B 208 24.95 -6.98 -11.55
C LYS B 208 25.88 -6.44 -10.49
N SER B 209 27.03 -5.88 -10.89
CA SER B 209 27.95 -5.38 -9.89
C SER B 209 28.68 -4.13 -10.32
N PHE B 210 29.29 -3.46 -9.33
CA PHE B 210 30.22 -2.39 -9.61
C PHE B 210 31.40 -2.49 -8.65
N ASN B 211 32.47 -1.79 -8.97
CA ASN B 211 33.62 -1.63 -8.07
C ASN B 211 33.59 -0.24 -7.48
N ARG B 212 33.70 -0.13 -6.17
CA ARG B 212 33.47 1.11 -5.45
C ARG B 212 34.16 2.35 -6.05
N GLY B 213 35.45 2.27 -6.29
CA GLY B 213 36.14 3.45 -6.79
C GLY B 213 35.75 3.91 -8.19
N GLU B 214 35.35 2.97 -9.04
CA GLU B 214 35.50 3.14 -10.48
C GLU B 214 34.40 3.87 -11.25
N CYS B 215 33.27 4.12 -10.59
CA CYS B 215 32.25 5.01 -11.15
C CYS B 215 31.31 5.55 -10.05
PB GDP C 1 -104.32 -36.96 44.44
O1B GDP C 1 -103.29 -36.08 43.74
O2B GDP C 1 -104.89 -36.39 45.72
O3B GDP C 1 -103.81 -38.37 44.63
O3A GDP C 1 -105.58 -37.01 43.38
PA GDP C 1 -106.37 -35.69 42.83
O1A GDP C 1 -105.35 -34.64 42.46
O2A GDP C 1 -107.46 -35.34 43.83
O5' GDP C 1 -107.14 -36.02 41.44
C5' GDP C 1 -107.45 -34.85 40.67
C4' GDP C 1 -107.87 -35.09 39.21
O4' GDP C 1 -109.29 -35.29 39.18
C3' GDP C 1 -107.59 -33.83 38.40
O3' GDP C 1 -106.47 -33.96 37.50
C2' GDP C 1 -108.87 -33.50 37.65
O2' GDP C 1 -108.78 -33.86 36.26
C1' GDP C 1 -109.95 -34.31 38.36
N9 GDP C 1 -110.73 -33.39 39.23
C8 GDP C 1 -110.91 -33.53 40.57
N7 GDP C 1 -111.67 -32.52 41.07
C5 GDP C 1 -112.01 -31.71 40.04
C6 GDP C 1 -112.82 -30.46 39.88
O6 GDP C 1 -113.37 -29.91 40.85
N1 GDP C 1 -112.91 -29.94 38.65
C2 GDP C 1 -112.32 -30.51 37.57
N2 GDP C 1 -112.49 -29.92 36.36
N3 GDP C 1 -111.59 -31.64 37.65
C4 GDP C 1 -111.39 -32.29 38.84
C1 GLC D . -7.83 -6.70 11.90
C2 GLC D . -7.09 -6.80 10.57
C3 GLC D . -5.76 -7.52 10.76
C4 GLC D . -4.95 -6.73 11.77
C5 GLC D . -5.71 -6.53 13.06
C6 GLC D . -4.89 -5.54 13.88
O2 GLC D . -7.87 -7.51 9.63
O3 GLC D . -5.04 -7.60 9.54
O4 GLC D . -3.75 -7.43 12.06
O5 GLC D . -7.01 -5.99 12.82
O6 GLC D . -4.89 -5.90 15.24
C1 FRU D . -10.46 -8.13 11.69
C2 FRU D . -9.46 -8.15 12.86
C3 FRU D . -9.54 -9.45 13.65
C4 FRU D . -8.95 -9.04 14.97
C5 FRU D . -9.57 -7.65 15.13
C6 FRU D . -8.74 -6.71 16.00
O1 FRU D . -11.78 -8.16 12.20
O2 FRU D . -8.14 -7.99 12.39
O3 FRU D . -8.83 -10.50 13.01
O4 FRU D . -9.37 -9.94 15.99
O5 FRU D . -9.76 -7.14 13.80
O6 FRU D . -9.54 -5.58 16.34
K K E . -52.02 -14.81 34.22
MG MG F . -36.70 -4.32 19.82
C1 1TU G . -48.76 -17.18 30.15
C2 1TU G . -47.92 -16.97 31.24
C3 1TU G . -47.05 -17.95 31.70
C4 1TU G . -46.98 -19.20 31.09
C5 1TU G . -47.85 -19.48 29.94
C6 1TU G . -48.77 -18.40 29.48
C10 1TU G . -47.99 -15.64 31.91
C11 1TU G . -47.18 -15.20 33.07
C13 1TU G . -45.74 -15.19 34.73
O18 1TU G . -47.93 -12.91 33.48
C15 1TU G . -47.19 -13.91 33.78
N14 1TU G . -46.30 -13.95 34.76
C16 1TU G . -46.01 -12.85 35.72
C17 1TU G . -44.68 -15.66 35.68
N12 1TU G . -46.26 -15.95 33.71
F8 1TU G . -49.60 -18.59 28.43
O9 1TU G . -47.79 -20.67 29.35
F7 1TU G . -46.13 -20.13 31.55
#